data_6J72
#
_entry.id   6J72
#
_cell.length_a   91.514
_cell.length_b   91.514
_cell.length_c   139.494
_cell.angle_alpha   90.000
_cell.angle_beta   90.000
_cell.angle_gamma   120.000
#
_symmetry.space_group_name_H-M   'P 64'
#
loop_
_entity.id
_entity.type
_entity.pdbx_description
1 polymer 'Isoniazid inducible gene protein IniA'
2 non-polymer "GUANOSINE-5'-TRIPHOSPHATE"
3 non-polymer 'MAGNESIUM ION'
4 non-polymer 'L(+)-TARTARIC ACID'
5 water water
#
_entity_poly.entity_id   1
_entity_poly.type   'polypeptide(L)'
_entity_poly.pdbx_seq_one_letter_code
;MGVIVELIDHTSAIAAAKDRADLVERLRAAKARISDPQIRVVIAGQLKQGKSQLLNSLLNIPVARVGDDESTVLATVVSY
GEQASARLVVARPDGAEPELIEIPPSEVTTDLRRAPQASGRQVLRVEVTAPSPLLKGGLAFVDTPGVGGHGQPHLSATLG
LLPDADAMLMISDTSQEFTEPEMKFIRQALEICPVAAIVATKTDLYPHWRQIVDANIAHLQRAGLNVPVIPASSVLRSHA
ISLNDKELNEESNFPAIVKFLSEHVLSRQNDRIRDQIVDEIRSAAEHLLLAVESELSSFNDPGERERLTAELERRKQEAQ
DALQQTALWQQVLSDGIADLTADVDHDLRHRFRIIAAHTEKVIDGCDPTLHWAEIGAELEDAVATAVGDNFVWAYQRAEA
LAAEVARTFTEAGLDAVQMPQIDARDMGAGFGELNSLARLEAKPIKIGHKVVTGMRGSYGGVLMFGMLTSFAGLGMFNPL
SLGAGFVLGRKAYKEDMENRMLRVRNEAKANVRKFVDDVAFVVGKESRDRLKGIQRQLRDHYREIANQTTRSLNESLQAA
IAAAKVEEAERNTRVKELERQQNILKQVVDHAAKLAAALEHHHHHH
;
_entity_poly.pdbx_strand_id   A
#
loop_
_chem_comp.id
_chem_comp.type
_chem_comp.name
_chem_comp.formula
GTP non-polymer GUANOSINE-5'-TRIPHOSPHATE 'C10 H16 N5 O14 P3'
MG non-polymer 'MAGNESIUM ION' 'Mg 2'
TLA non-polymer 'L(+)-TARTARIC ACID' 'C4 H6 O6'
#
# COMPACT_ATOMS: atom_id res chain seq x y z
N MET A 1 -23.62 11.01 -8.61
CA MET A 1 -23.34 11.62 -9.90
C MET A 1 -24.63 11.89 -10.62
N GLY A 2 -24.51 12.70 -11.64
CA GLY A 2 -25.39 12.63 -12.73
C GLY A 2 -24.71 11.53 -13.50
N VAL A 3 -23.94 11.94 -14.49
CA VAL A 3 -23.53 11.06 -15.59
C VAL A 3 -22.92 9.69 -15.18
N ILE A 4 -21.71 9.70 -14.59
CA ILE A 4 -20.98 8.47 -14.21
C ILE A 4 -21.79 7.43 -13.41
N VAL A 5 -22.40 7.82 -12.29
CA VAL A 5 -23.18 6.87 -11.49
C VAL A 5 -24.39 6.34 -12.25
N GLU A 6 -25.05 7.21 -13.01
CA GLU A 6 -26.15 6.79 -13.87
C GLU A 6 -25.66 5.71 -14.82
N LEU A 7 -24.48 5.95 -15.38
CA LEU A 7 -23.90 5.04 -16.37
C LEU A 7 -23.60 3.67 -15.75
N ILE A 8 -23.12 3.70 -14.50
CA ILE A 8 -22.89 2.46 -13.76
C ILE A 8 -24.22 1.74 -13.50
N ASP A 9 -25.20 2.49 -13.02
CA ASP A 9 -26.53 1.95 -12.75
C ASP A 9 -27.16 1.36 -14.02
N HIS A 10 -27.09 2.13 -15.10
CA HIS A 10 -27.62 1.73 -16.40
C HIS A 10 -27.00 0.42 -16.88
N THR A 11 -25.67 0.34 -16.80
CA THR A 11 -24.95 -0.86 -17.25
C THR A 11 -25.24 -2.06 -16.37
N SER A 12 -25.33 -1.82 -15.06
CA SER A 12 -25.61 -2.89 -14.11
C SER A 12 -27.00 -3.48 -14.35
N ALA A 13 -27.93 -2.62 -14.75
CA ALA A 13 -29.29 -3.06 -15.06
C ALA A 13 -29.31 -4.00 -16.26
N ILE A 14 -28.53 -3.66 -17.28
CA ILE A 14 -28.42 -4.49 -18.47
C ILE A 14 -27.80 -5.84 -18.13
N ALA A 15 -26.76 -5.81 -17.30
CA ALA A 15 -26.08 -7.03 -16.86
C ALA A 15 -27.02 -7.92 -16.05
N ALA A 16 -27.81 -7.31 -15.19
CA ALA A 16 -28.76 -8.04 -14.35
C ALA A 16 -29.81 -8.74 -15.21
N ALA A 17 -30.22 -8.09 -16.29
CA ALA A 17 -31.22 -8.64 -17.19
C ALA A 17 -30.64 -9.82 -17.97
N LYS A 18 -29.33 -9.81 -18.19
CA LYS A 18 -28.66 -10.88 -18.93
C LYS A 18 -28.10 -11.93 -17.99
N ASP A 19 -28.53 -11.90 -16.73
CA ASP A 19 -28.16 -12.89 -15.72
C ASP A 19 -26.64 -12.89 -15.47
N ARG A 20 -25.97 -11.79 -15.80
CA ARG A 20 -24.54 -11.67 -15.55
C ARG A 20 -24.29 -11.14 -14.14
N ALA A 21 -24.45 -12.01 -13.15
CA ALA A 21 -24.25 -11.64 -11.75
C ALA A 21 -22.81 -11.23 -11.49
N ASP A 22 -21.88 -11.83 -12.23
CA ASP A 22 -20.46 -11.51 -12.09
C ASP A 22 -20.17 -10.07 -12.49
N LEU A 23 -20.82 -9.61 -13.56
CA LEU A 23 -20.65 -8.24 -14.02
C LEU A 23 -21.32 -7.27 -13.05
N VAL A 24 -22.46 -7.68 -12.51
CA VAL A 24 -23.19 -6.86 -11.53
C VAL A 24 -22.32 -6.59 -10.30
N GLU A 25 -21.69 -7.63 -9.79
CA GLU A 25 -20.83 -7.51 -8.63
C GLU A 25 -19.59 -6.67 -8.92
N ARG A 26 -19.03 -6.84 -10.11
CA ARG A 26 -17.87 -6.07 -10.53
C ARG A 26 -18.21 -4.59 -10.58
N LEU A 27 -19.40 -4.27 -11.08
CA LEU A 27 -19.86 -2.89 -11.17
C LEU A 27 -20.25 -2.36 -9.78
N ARG A 28 -20.67 -3.25 -8.90
CA ARG A 28 -20.99 -2.87 -7.53
C ARG A 28 -19.74 -2.42 -6.79
N ALA A 29 -18.65 -3.16 -7.01
CA ALA A 29 -17.38 -2.84 -6.39
C ALA A 29 -16.81 -1.53 -6.93
N ALA A 30 -16.94 -1.34 -8.24
CA ALA A 30 -16.46 -0.12 -8.89
C ALA A 30 -17.19 1.10 -8.37
N LYS A 31 -18.51 0.99 -8.23
CA LYS A 31 -19.33 2.09 -7.73
C LYS A 31 -18.97 2.43 -6.29
N ALA A 32 -18.75 1.39 -5.48
CA ALA A 32 -18.37 1.58 -4.08
C ALA A 32 -17.00 2.25 -3.99
N ARG A 33 -16.13 1.94 -4.94
CA ARG A 33 -14.78 2.48 -4.96
C ARG A 33 -14.77 3.98 -5.21
N ILE A 34 -15.66 4.46 -6.08
CA ILE A 34 -15.68 5.87 -6.43
C ILE A 34 -16.40 6.70 -5.36
N SER A 35 -17.13 6.03 -4.48
CA SER A 35 -17.79 6.71 -3.36
C SER A 35 -16.83 6.83 -2.17
N ASP A 36 -16.17 5.71 -1.86
CA ASP A 36 -15.19 5.67 -0.78
C ASP A 36 -13.82 5.27 -1.33
N PRO A 37 -13.13 6.20 -1.99
CA PRO A 37 -11.88 5.90 -2.71
C PRO A 37 -10.71 5.52 -1.81
N GLN A 38 -10.70 6.02 -0.58
CA GLN A 38 -9.59 5.76 0.36
C GLN A 38 -8.24 6.17 -0.23
N ILE A 39 -8.08 7.46 -0.46
CA ILE A 39 -6.81 7.99 -0.95
C ILE A 39 -5.90 8.24 0.25
N ARG A 40 -5.01 7.29 0.50
CA ARG A 40 -4.25 7.26 1.75
C ARG A 40 -3.04 8.18 1.78
N VAL A 41 -2.99 9.04 2.79
CA VAL A 41 -1.86 9.93 3.01
C VAL A 41 -1.17 9.57 4.32
N VAL A 42 0.06 9.06 4.24
CA VAL A 42 0.79 8.65 5.43
C VAL A 42 1.49 9.83 6.09
N ILE A 43 1.19 10.04 7.37
CA ILE A 43 1.84 11.08 8.15
C ILE A 43 3.05 10.51 8.88
N ALA A 44 4.23 10.67 8.29
CA ALA A 44 5.44 10.03 8.81
C ALA A 44 6.31 11.02 9.57
N GLY A 45 7.36 10.49 10.20
CA GLY A 45 8.29 11.29 10.97
C GLY A 45 8.66 10.63 12.28
N GLN A 46 9.73 11.12 12.92
CA GLN A 46 10.18 10.56 14.19
C GLN A 46 9.23 10.97 15.32
N LEU A 47 9.47 10.47 16.50
CA LEU A 47 8.59 10.76 17.63
C LEU A 47 8.48 12.23 18.04
N LYS A 48 7.31 12.60 18.51
CA LYS A 48 7.07 13.91 19.10
C LYS A 48 7.28 15.09 18.14
N GLN A 49 7.19 14.84 16.84
CA GLN A 49 7.40 15.90 15.86
C GLN A 49 6.12 16.70 15.61
N GLY A 50 4.99 16.18 16.11
CA GLY A 50 3.73 16.88 16.00
C GLY A 50 2.81 16.28 14.96
N LYS A 51 2.98 14.98 14.71
CA LYS A 51 2.22 14.28 13.69
C LYS A 51 0.73 14.21 14.04
N SER A 52 0.43 13.72 15.23
CA SER A 52 -0.95 13.55 15.68
C SER A 52 -1.69 14.88 15.83
N GLN A 53 -1.00 15.87 16.40
CA GLN A 53 -1.59 17.20 16.58
C GLN A 53 -1.92 17.82 15.24
N LEU A 54 -1.06 17.59 14.25
CA LEU A 54 -1.30 18.09 12.90
C LEU A 54 -2.59 17.52 12.34
N LEU A 55 -2.77 16.22 12.49
CA LEU A 55 -3.97 15.54 12.02
C LEU A 55 -5.23 16.04 12.73
N ASN A 56 -5.13 16.20 14.05
CA ASN A 56 -6.26 16.68 14.85
C ASN A 56 -6.62 18.12 14.50
N SER A 57 -5.62 18.98 14.37
CA SER A 57 -5.85 20.38 14.03
C SER A 57 -6.41 20.52 12.62
N LEU A 58 -5.94 19.68 11.72
CA LEU A 58 -6.41 19.69 10.33
C LEU A 58 -7.90 19.39 10.25
N LEU A 59 -8.30 18.22 10.73
CA LEU A 59 -9.69 17.79 10.66
C LEU A 59 -10.56 18.45 11.72
N ASN A 60 -9.93 19.23 12.60
CA ASN A 60 -10.60 19.84 13.75
C ASN A 60 -11.40 18.79 14.53
N ILE A 61 -10.73 17.70 14.87
CA ILE A 61 -11.36 16.56 15.53
C ILE A 61 -10.27 15.72 16.20
N PRO A 62 -10.48 15.36 17.48
CA PRO A 62 -9.45 14.63 18.23
C PRO A 62 -9.44 13.12 18.00
N VAL A 63 -9.23 12.69 16.75
CA VAL A 63 -9.11 11.26 16.45
C VAL A 63 -7.74 10.75 16.89
N ALA A 64 -6.72 11.59 16.74
CA ALA A 64 -5.36 11.21 17.12
C ALA A 64 -5.23 11.27 18.63
N ARG A 65 -4.15 10.75 19.18
CA ARG A 65 -3.87 10.88 20.59
C ARG A 65 -2.63 11.72 20.79
N VAL A 66 -2.69 12.78 21.56
CA VAL A 66 -1.48 13.58 21.73
C VAL A 66 -1.11 13.81 23.19
N GLY A 67 0.09 13.36 23.53
CA GLY A 67 0.61 13.46 24.87
C GLY A 67 2.08 13.75 24.81
N ASP A 68 2.63 14.23 25.90
CA ASP A 68 4.03 14.64 25.94
C ASP A 68 5.01 13.48 26.08
N ASP A 69 4.50 12.35 26.55
CA ASP A 69 5.24 11.12 26.36
C ASP A 69 4.43 9.85 26.32
N GLU A 70 3.90 9.55 25.16
CA GLU A 70 3.11 8.36 24.97
C GLU A 70 2.48 8.44 23.59
N SER A 71 1.15 8.52 23.58
CA SER A 71 0.41 8.72 22.39
C SER A 71 0.52 7.62 21.37
N THR A 72 0.92 7.89 20.15
CA THR A 72 0.66 6.94 19.08
C THR A 72 1.53 5.69 19.10
N VAL A 73 0.89 4.55 19.24
CA VAL A 73 1.59 3.27 19.27
C VAL A 73 1.20 2.29 18.19
N LEU A 74 0.24 2.68 17.40
CA LEU A 74 -0.34 1.84 16.36
C LEU A 74 -0.77 2.68 15.16
N ALA A 75 -0.42 2.21 13.96
CA ALA A 75 -0.81 2.89 12.74
C ALA A 75 -2.32 3.05 12.68
N THR A 76 -2.78 4.29 12.48
CA THR A 76 -4.20 4.58 12.53
C THR A 76 -4.69 5.28 11.28
N VAL A 77 -5.64 4.65 10.58
CA VAL A 77 -6.20 5.20 9.36
C VAL A 77 -7.51 5.93 9.65
N VAL A 78 -7.58 7.19 9.23
CA VAL A 78 -8.78 8.00 9.42
C VAL A 78 -9.41 8.33 8.06
N SER A 79 -10.63 7.89 7.89
CA SER A 79 -11.38 8.16 6.69
C SER A 79 -12.76 8.66 6.99
N TYR A 80 -13.40 9.18 5.96
CA TYR A 80 -14.69 9.76 6.11
C TYR A 80 -15.78 8.78 6.45
N GLY A 81 -16.60 9.16 7.40
CA GLY A 81 -17.85 8.45 7.63
C GLY A 81 -18.83 9.27 8.42
N GLU A 82 -20.06 9.37 7.95
CA GLU A 82 -21.05 10.21 8.61
C GLU A 82 -21.22 9.81 10.05
N GLN A 83 -21.16 8.52 10.31
CA GLN A 83 -21.28 7.99 11.65
C GLN A 83 -19.97 7.35 12.10
N ALA A 84 -19.63 7.52 13.37
CA ALA A 84 -18.38 7.01 13.91
C ALA A 84 -18.32 5.49 13.91
N SER A 85 -17.20 4.94 13.43
CA SER A 85 -16.98 3.50 13.41
C SER A 85 -15.49 3.20 13.46
N ALA A 86 -15.14 2.00 13.90
CA ALA A 86 -13.73 1.64 14.08
C ALA A 86 -13.52 0.13 14.07
N ARG A 87 -12.39 -0.28 13.50
CA ARG A 87 -12.00 -1.67 13.49
C ARG A 87 -10.53 -1.96 13.51
N LEU A 88 -10.18 -3.03 14.17
CA LEU A 88 -8.80 -3.51 14.16
C LEU A 88 -8.53 -4.26 12.86
N VAL A 89 -7.31 -4.12 12.34
CA VAL A 89 -6.88 -4.94 11.21
C VAL A 89 -5.91 -5.98 11.73
N VAL A 90 -6.39 -7.21 11.87
CA VAL A 90 -5.64 -8.26 12.55
C VAL A 90 -5.08 -9.28 11.57
N ALA A 91 -3.79 -9.58 11.71
CA ALA A 91 -3.09 -10.44 10.76
C ALA A 91 -3.53 -11.90 10.82
N ARG A 92 -3.47 -12.56 9.67
CA ARG A 92 -3.64 -14.01 9.57
C ARG A 92 -2.32 -14.63 9.10
N PRO A 93 -2.10 -15.92 9.40
CA PRO A 93 -0.84 -16.57 9.04
C PRO A 93 -0.58 -16.69 7.54
N ASP A 94 0.70 -16.73 7.16
CA ASP A 94 1.15 -17.05 5.81
C ASP A 94 0.60 -16.12 4.73
N GLY A 95 0.57 -14.83 5.02
CA GLY A 95 0.17 -13.84 4.04
C GLY A 95 -1.30 -13.89 3.66
N ALA A 96 -2.09 -14.57 4.47
CA ALA A 96 -3.53 -14.61 4.24
C ALA A 96 -4.13 -13.23 4.48
N GLU A 97 -5.32 -13.00 3.94
CA GLU A 97 -6.00 -11.71 4.09
C GLU A 97 -6.26 -11.39 5.55
N PRO A 98 -5.90 -10.18 5.98
CA PRO A 98 -6.12 -9.76 7.37
C PRO A 98 -7.60 -9.74 7.75
N GLU A 99 -7.89 -9.83 9.04
CA GLU A 99 -9.26 -9.85 9.51
C GLU A 99 -9.67 -8.51 10.11
N LEU A 100 -10.85 -8.04 9.74
CA LEU A 100 -11.41 -6.83 10.33
C LEU A 100 -12.25 -7.17 11.55
N ILE A 101 -11.92 -6.54 12.67
CA ILE A 101 -12.67 -6.76 13.91
C ILE A 101 -13.23 -5.45 14.45
N GLU A 102 -14.55 -5.34 14.45
CA GLU A 102 -15.23 -4.15 14.94
C GLU A 102 -14.98 -3.92 16.43
N ILE A 103 -14.62 -2.69 16.76
CA ILE A 103 -14.44 -2.28 18.15
C ILE A 103 -15.20 -0.98 18.36
N PRO A 104 -15.50 -0.64 19.59
CA PRO A 104 -16.18 0.61 19.83
C PRO A 104 -15.25 1.73 19.51
N PRO A 105 -15.82 2.85 18.90
CA PRO A 105 -14.83 3.83 18.46
C PRO A 105 -13.91 4.34 19.56
N SER A 106 -14.26 4.24 20.82
CA SER A 106 -13.39 4.74 21.87
C SER A 106 -12.03 4.10 22.07
N GLU A 107 -12.01 2.78 22.06
CA GLU A 107 -10.95 1.86 22.38
C GLU A 107 -9.64 2.29 21.74
N VAL A 108 -9.74 3.18 20.76
CA VAL A 108 -8.66 3.78 20.08
C VAL A 108 -7.70 4.43 21.02
N THR A 109 -8.13 5.51 21.63
CA THR A 109 -7.29 6.24 22.54
C THR A 109 -6.68 5.29 23.54
N THR A 110 -7.21 4.08 23.67
CA THR A 110 -6.29 3.00 24.30
C THR A 110 -4.96 2.31 23.54
N ASP A 111 -3.96 1.60 24.18
CA ASP A 111 -3.02 0.70 23.50
C ASP A 111 -3.75 -0.49 22.89
N LEU A 112 -4.01 -0.42 21.59
CA LEU A 112 -4.69 -1.51 20.88
C LEU A 112 -3.77 -2.58 20.32
N ARG A 113 -2.48 -2.48 20.64
CA ARG A 113 -1.52 -3.49 20.18
C ARG A 113 -1.81 -4.85 20.81
N ARG A 114 -2.41 -4.82 22.00
CA ARG A 114 -2.82 -6.04 22.68
C ARG A 114 -4.31 -6.01 23.01
N ALA A 115 -5.09 -5.42 22.11
CA ALA A 115 -6.54 -5.39 22.26
C ALA A 115 -7.06 -6.81 22.43
N PRO A 116 -7.89 -7.03 23.46
CA PRO A 116 -8.42 -8.35 23.81
C PRO A 116 -9.06 -9.07 22.62
N GLN A 117 -9.70 -8.31 21.74
CA GLN A 117 -10.37 -8.87 20.58
C GLN A 117 -9.40 -9.50 19.59
N ALA A 118 -8.13 -9.14 19.68
CA ALA A 118 -7.12 -9.62 18.74
C ALA A 118 -6.60 -11.00 19.10
N SER A 119 -6.85 -11.43 20.34
CA SER A 119 -6.47 -12.76 20.83
C SER A 119 -4.98 -13.06 20.67
N GLY A 120 -4.15 -12.06 20.92
CA GLY A 120 -2.70 -12.25 20.88
C GLY A 120 -2.11 -12.22 19.48
N ARG A 121 -2.98 -12.00 18.48
CA ARG A 121 -2.52 -11.90 17.11
C ARG A 121 -2.01 -10.50 16.82
N GLN A 122 -1.21 -10.35 15.77
CA GLN A 122 -0.64 -9.05 15.45
C GLN A 122 -1.68 -8.09 14.90
N VAL A 123 -1.79 -6.92 15.52
CA VAL A 123 -2.63 -5.85 15.01
C VAL A 123 -1.82 -4.98 14.06
N LEU A 124 -2.12 -5.08 12.77
CA LEU A 124 -1.38 -4.36 11.75
C LEU A 124 -1.64 -2.86 11.84
N ARG A 125 -2.88 -2.49 12.12
CA ARG A 125 -3.30 -1.10 12.17
C ARG A 125 -4.71 -0.98 12.71
N VAL A 126 -5.16 0.26 12.89
CA VAL A 126 -6.55 0.53 13.25
C VAL A 126 -7.18 1.44 12.20
N GLU A 127 -8.41 1.15 11.84
CA GLU A 127 -9.12 1.96 10.86
C GLU A 127 -10.37 2.58 11.48
N VAL A 128 -10.36 3.90 11.58
CA VAL A 128 -11.44 4.63 12.23
C VAL A 128 -12.07 5.65 11.29
N THR A 129 -13.30 6.02 11.58
CA THR A 129 -14.02 6.98 10.78
C THR A 129 -14.15 8.26 11.54
N ALA A 130 -14.44 9.32 10.81
CA ALA A 130 -14.67 10.62 11.37
C ALA A 130 -15.51 11.43 10.45
N PRO A 131 -16.43 12.27 11.08
CA PRO A 131 -17.31 12.98 10.15
C PRO A 131 -16.75 14.35 9.79
N SER A 132 -15.61 14.37 9.14
CA SER A 132 -14.93 15.60 8.84
C SER A 132 -15.08 15.92 7.39
N PRO A 133 -15.61 17.20 7.14
CA PRO A 133 -15.81 17.48 5.72
C PRO A 133 -14.58 17.33 4.89
N LEU A 134 -13.42 17.43 5.50
CA LEU A 134 -12.14 17.32 4.83
C LEU A 134 -11.96 15.95 4.19
N LEU A 135 -12.56 14.94 4.81
CA LEU A 135 -12.38 13.56 4.36
C LEU A 135 -13.43 13.16 3.34
N LYS A 136 -14.47 14.01 3.21
CA LYS A 136 -15.56 13.80 2.26
C LYS A 136 -15.08 13.46 0.84
N GLY A 137 -14.02 14.13 0.40
CA GLY A 137 -13.50 13.95 -0.95
C GLY A 137 -12.88 12.59 -1.19
N GLY A 138 -12.48 11.92 -0.11
CA GLY A 138 -11.91 10.59 -0.23
C GLY A 138 -10.50 10.48 0.32
N LEU A 139 -10.00 11.56 0.93
CA LEU A 139 -8.70 11.53 1.57
C LEU A 139 -8.74 10.69 2.84
N ALA A 140 -7.72 9.86 3.02
CA ALA A 140 -7.59 9.07 4.23
C ALA A 140 -6.19 9.26 4.82
N PHE A 141 -6.12 9.60 6.10
CA PHE A 141 -4.84 9.89 6.72
C PHE A 141 -4.37 8.76 7.63
N VAL A 142 -3.09 8.42 7.51
CA VAL A 142 -2.50 7.38 8.32
C VAL A 142 -1.55 7.99 9.35
N ASP A 143 -2.02 8.11 10.59
CA ASP A 143 -1.15 8.52 11.68
C ASP A 143 -0.21 7.37 12.01
N THR A 144 1.06 7.69 12.25
CA THR A 144 2.06 6.66 12.48
C THR A 144 2.55 6.66 13.93
N PRO A 145 2.93 5.49 14.45
CA PRO A 145 3.39 5.40 15.83
C PRO A 145 4.74 6.07 16.06
N GLY A 146 5.07 6.31 17.32
CA GLY A 146 6.34 6.91 17.68
C GLY A 146 7.50 6.01 17.30
N VAL A 147 8.41 6.54 16.49
CA VAL A 147 9.61 5.81 16.08
C VAL A 147 10.83 6.69 16.25
N GLY A 148 12.00 6.08 16.37
CA GLY A 148 13.23 6.83 16.48
C GLY A 148 13.71 7.03 17.92
N GLY A 149 12.86 6.64 18.87
CA GLY A 149 13.21 6.78 20.28
C GLY A 149 13.57 5.46 20.93
N HIS A 150 13.99 5.53 22.20
CA HIS A 150 14.39 4.33 22.94
C HIS A 150 13.22 3.37 23.10
N GLY A 151 13.44 2.12 22.71
CA GLY A 151 12.42 1.09 22.83
C GLY A 151 11.43 1.08 21.68
N GLN A 152 11.63 2.00 20.73
CA GLN A 152 10.73 2.13 19.60
C GLN A 152 11.32 1.51 18.32
N PRO A 153 10.45 1.25 17.32
CA PRO A 153 10.97 0.87 16.01
C PRO A 153 11.76 2.00 15.37
N HIS A 154 12.60 1.66 14.39
CA HIS A 154 13.35 2.67 13.66
C HIS A 154 12.42 3.38 12.68
N LEU A 155 12.78 4.59 12.27
CA LEU A 155 11.95 5.38 11.37
C LEU A 155 11.67 4.66 10.04
N SER A 156 12.58 3.78 9.64
CA SER A 156 12.44 3.04 8.39
C SER A 156 11.30 2.03 8.43
N ALA A 157 10.81 1.72 9.62
CA ALA A 157 9.67 0.81 9.76
C ALA A 157 8.41 1.41 9.15
N THR A 158 8.40 2.73 9.02
CA THR A 158 7.26 3.46 8.45
C THR A 158 7.11 3.16 6.96
N LEU A 159 8.20 2.70 6.32
CA LEU A 159 8.19 2.38 4.90
C LEU A 159 7.13 1.33 4.53
N GLY A 160 6.78 0.48 5.50
CA GLY A 160 5.81 -0.57 5.26
C GLY A 160 4.40 -0.07 4.98
N LEU A 161 4.17 1.21 5.22
CA LEU A 161 2.86 1.82 5.00
C LEU A 161 2.73 2.45 3.63
N LEU A 162 3.87 2.59 2.95
CA LEU A 162 3.95 3.41 1.74
C LEU A 162 3.56 2.75 0.40
N PRO A 163 3.83 1.43 0.22
CA PRO A 163 3.38 0.83 -1.04
C PRO A 163 1.88 0.99 -1.33
N ASP A 164 1.06 1.04 -0.29
CA ASP A 164 -0.38 1.19 -0.47
C ASP A 164 -0.85 2.62 -0.28
N ALA A 165 0.10 3.55 -0.17
CA ALA A 165 -0.24 4.96 0.02
C ALA A 165 -0.12 5.74 -1.28
N ASP A 166 -0.86 6.84 -1.37
CA ASP A 166 -0.80 7.70 -2.55
C ASP A 166 0.04 8.94 -2.29
N ALA A 167 0.23 9.27 -1.02
CA ALA A 167 1.02 10.44 -0.65
C ALA A 167 1.61 10.31 0.75
N MET A 168 2.64 11.09 1.02
CA MET A 168 3.25 11.12 2.34
C MET A 168 3.48 12.55 2.81
N LEU A 169 3.11 12.83 4.05
CA LEU A 169 3.52 14.06 4.71
C LEU A 169 4.60 13.72 5.72
N MET A 170 5.81 14.21 5.48
CA MET A 170 6.93 13.96 6.36
C MET A 170 7.04 15.06 7.41
N ILE A 171 6.77 14.70 8.66
CA ILE A 171 6.71 15.67 9.74
C ILE A 171 8.04 15.78 10.51
N SER A 172 8.56 16.99 10.58
CA SER A 172 9.76 17.29 11.35
C SER A 172 9.65 18.69 11.91
N ASP A 173 9.70 18.83 13.23
CA ASP A 173 9.49 20.14 13.83
C ASP A 173 10.70 21.04 13.62
N THR A 174 10.51 22.33 13.86
CA THR A 174 11.53 23.32 13.53
C THR A 174 12.46 23.63 14.69
N SER A 175 12.68 22.65 15.56
CA SER A 175 13.61 22.82 16.67
C SER A 175 15.05 22.66 16.17
N GLN A 176 15.22 21.84 15.14
CA GLN A 176 16.54 21.63 14.55
C GLN A 176 16.42 21.09 13.13
N GLU A 177 17.49 21.06 12.38
CA GLU A 177 17.50 20.57 11.03
C GLU A 177 17.30 19.09 10.95
N PHE A 178 17.18 18.59 9.72
CA PHE A 178 17.06 17.16 9.48
C PHE A 178 18.22 16.40 10.10
N THR A 179 17.91 15.28 10.76
CA THR A 179 18.95 14.36 11.18
C THR A 179 19.27 13.45 10.00
N GLU A 180 20.38 12.73 10.09
CA GLU A 180 20.75 11.80 9.04
C GLU A 180 19.73 10.67 8.84
N PRO A 181 19.18 10.12 9.94
CA PRO A 181 18.10 9.13 9.72
C PRO A 181 16.89 9.70 8.98
N GLU A 182 16.55 10.96 9.25
CA GLU A 182 15.43 11.61 8.56
C GLU A 182 15.72 11.72 7.06
N MET A 183 16.95 12.13 6.73
CA MET A 183 17.37 12.26 5.34
C MET A 183 17.34 10.92 4.61
N LYS A 184 17.83 9.88 5.27
CA LYS A 184 17.86 8.54 4.68
C LYS A 184 16.45 8.00 4.45
N PHE A 185 15.57 8.24 5.40
CA PHE A 185 14.19 7.79 5.30
C PHE A 185 13.47 8.48 4.15
N ILE A 186 13.71 9.78 3.99
CA ILE A 186 13.06 10.56 2.95
C ILE A 186 13.45 10.02 1.57
N ARG A 187 14.73 9.73 1.37
CA ARG A 187 15.20 9.18 0.10
C ARG A 187 14.55 7.83 -0.20
N GLN A 188 14.47 6.97 0.82
CA GLN A 188 13.85 5.66 0.68
C GLN A 188 12.35 5.79 0.40
N ALA A 189 11.70 6.70 1.11
CA ALA A 189 10.25 6.88 1.00
C ALA A 189 9.84 7.35 -0.40
N LEU A 190 10.65 8.22 -0.99
CA LEU A 190 10.36 8.76 -2.32
C LEU A 190 10.45 7.70 -3.41
N GLU A 191 11.22 6.65 -3.14
CA GLU A 191 11.35 5.53 -4.09
C GLU A 191 10.05 4.76 -4.20
N ILE A 192 9.27 4.78 -3.12
CA ILE A 192 8.01 4.04 -3.06
C ILE A 192 6.82 4.97 -3.24
N CYS A 193 6.93 6.16 -2.67
CA CYS A 193 5.84 7.14 -2.69
C CYS A 193 6.37 8.51 -3.09
N PRO A 194 6.41 8.79 -4.41
CA PRO A 194 6.99 10.01 -4.98
C PRO A 194 6.26 11.29 -4.57
N VAL A 195 4.95 11.22 -4.45
CA VAL A 195 4.17 12.39 -4.03
C VAL A 195 4.30 12.61 -2.54
N ALA A 196 5.08 13.63 -2.16
CA ALA A 196 5.34 13.88 -0.75
C ALA A 196 5.66 15.34 -0.48
N ALA A 197 5.47 15.74 0.78
CA ALA A 197 5.82 17.08 1.22
C ALA A 197 6.34 17.05 2.64
N ILE A 198 7.30 17.91 2.94
CA ILE A 198 7.76 18.09 4.31
C ILE A 198 6.88 19.13 5.00
N VAL A 199 6.36 18.77 6.17
CA VAL A 199 5.66 19.76 6.99
C VAL A 199 6.56 20.13 8.17
N ALA A 200 7.05 21.37 8.14
CA ALA A 200 7.88 21.89 9.21
C ALA A 200 7.00 22.46 10.31
N THR A 201 6.82 21.68 11.38
CA THR A 201 5.83 21.99 12.41
C THR A 201 6.37 22.85 13.55
N LYS A 202 5.44 23.33 14.38
CA LYS A 202 5.75 24.06 15.61
C LYS A 202 6.45 25.40 15.37
N THR A 203 6.04 26.11 14.32
CA THR A 203 6.62 27.41 14.02
C THR A 203 6.26 28.44 15.08
N ASP A 204 5.16 28.20 15.78
CA ASP A 204 4.72 29.09 16.86
C ASP A 204 5.62 28.97 18.08
N LEU A 205 6.36 27.88 18.16
CA LEU A 205 7.18 27.58 19.32
C LEU A 205 8.63 27.99 19.14
N TYR A 206 9.12 27.95 17.91
CA TYR A 206 10.52 28.25 17.64
C TYR A 206 10.68 29.48 16.75
N PRO A 207 11.12 30.59 17.36
CA PRO A 207 11.27 31.90 16.69
C PRO A 207 12.20 31.86 15.48
N HIS A 208 13.17 30.95 15.47
CA HIS A 208 14.12 30.85 14.38
C HIS A 208 13.75 29.73 13.41
N TRP A 209 12.46 29.43 13.30
CA TRP A 209 12.00 28.30 12.51
C TRP A 209 12.34 28.46 11.02
N ARG A 210 12.35 29.69 10.53
CA ARG A 210 12.63 29.94 9.12
C ARG A 210 14.07 29.55 8.77
N GLN A 211 14.98 29.77 9.72
CA GLN A 211 16.38 29.37 9.54
C GLN A 211 16.49 27.87 9.31
N ILE A 212 15.75 27.10 10.11
CA ILE A 212 15.74 25.65 9.99
C ILE A 212 15.14 25.23 8.66
N VAL A 213 14.04 25.88 8.27
CA VAL A 213 13.37 25.58 7.02
C VAL A 213 14.29 25.79 5.82
N ASP A 214 14.96 26.93 5.78
CA ASP A 214 15.86 27.26 4.68
C ASP A 214 17.09 26.36 4.65
N ALA A 215 17.57 25.98 5.82
CA ALA A 215 18.68 25.04 5.91
C ALA A 215 18.25 23.66 5.41
N ASN A 216 17.02 23.27 5.73
CA ASN A 216 16.47 22.00 5.28
C ASN A 216 16.24 21.97 3.78
N ILE A 217 15.73 23.08 3.24
CA ILE A 217 15.53 23.22 1.81
C ILE A 217 16.87 23.08 1.07
N ALA A 218 17.89 23.73 1.63
CA ALA A 218 19.24 23.64 1.07
C ALA A 218 19.76 22.21 1.10
N HIS A 219 19.57 21.54 2.23
CA HIS A 219 20.02 20.17 2.40
C HIS A 219 19.33 19.23 1.41
N LEU A 220 18.02 19.41 1.25
CA LEU A 220 17.25 18.58 0.33
C LEU A 220 17.74 18.73 -1.11
N GLN A 221 18.15 19.94 -1.44
CA GLN A 221 18.62 20.24 -2.77
C GLN A 221 20.00 19.66 -3.02
N ARG A 222 20.80 19.58 -2.00
CA ARG A 222 22.14 19.00 -2.08
C ARG A 222 22.05 17.48 -2.25
N ALA A 223 21.02 16.88 -1.66
CA ALA A 223 20.84 15.43 -1.73
C ALA A 223 20.09 15.03 -3.00
N GLY A 224 19.60 16.02 -3.74
CA GLY A 224 18.87 15.77 -4.96
C GLY A 224 17.49 15.18 -4.71
N LEU A 225 16.92 15.50 -3.56
CA LEU A 225 15.58 15.04 -3.21
C LEU A 225 14.56 16.16 -3.46
N ASN A 226 13.68 15.93 -4.42
CA ASN A 226 12.71 16.96 -4.82
C ASN A 226 11.43 16.91 -4.01
N VAL A 227 11.47 17.52 -2.82
CA VAL A 227 10.30 17.58 -1.94
C VAL A 227 10.07 19.01 -1.47
N PRO A 228 8.83 19.50 -1.58
CA PRO A 228 8.55 20.85 -1.06
C PRO A 228 8.52 20.86 0.46
N VAL A 229 8.85 22.00 1.06
CA VAL A 229 8.78 22.15 2.50
C VAL A 229 7.67 23.12 2.87
N ILE A 230 6.75 22.68 3.72
CA ILE A 230 5.63 23.52 4.11
C ILE A 230 5.64 23.78 5.61
N PRO A 231 5.93 25.04 6.00
CA PRO A 231 5.87 25.44 7.42
C PRO A 231 4.44 25.40 7.93
N ALA A 232 4.26 25.14 9.21
CA ALA A 232 2.92 25.07 9.79
C ALA A 232 2.93 25.14 11.31
N SER A 233 1.83 25.64 11.87
CA SER A 233 1.61 25.60 13.31
C SER A 233 0.21 25.08 13.60
N SER A 234 0.14 23.85 14.11
CA SER A 234 -1.14 23.22 14.43
C SER A 234 -1.86 24.00 15.52
N VAL A 235 -1.07 24.57 16.42
CA VAL A 235 -1.55 25.37 17.52
C VAL A 235 -2.31 26.62 17.03
N LEU A 236 -1.70 27.37 16.12
CA LEU A 236 -2.35 28.51 15.49
C LEU A 236 -3.59 28.10 14.71
N ARG A 237 -3.48 27.01 13.97
CA ARG A 237 -4.61 26.46 13.22
C ARG A 237 -5.79 26.18 14.13
N SER A 238 -5.50 25.67 15.32
CA SER A 238 -6.54 25.30 16.25
C SER A 238 -7.28 26.51 16.83
N HIS A 239 -6.57 27.58 17.06
CA HIS A 239 -7.19 28.77 17.53
C HIS A 239 -7.98 29.42 16.42
N ALA A 240 -7.49 29.31 15.21
CA ALA A 240 -8.15 29.90 14.05
C ALA A 240 -9.52 29.26 13.88
N ILE A 241 -9.53 27.93 13.97
CA ILE A 241 -10.77 27.16 13.92
C ILE A 241 -11.75 27.61 15.00
N SER A 242 -11.26 27.68 16.23
CA SER A 242 -12.07 28.08 17.39
C SER A 242 -12.73 29.44 17.19
N LEU A 243 -11.98 30.37 16.60
CA LEU A 243 -12.43 31.74 16.44
C LEU A 243 -13.11 31.97 15.10
N ASN A 244 -13.12 30.94 14.25
CA ASN A 244 -13.56 31.06 12.86
C ASN A 244 -12.81 32.21 12.20
N ASP A 245 -11.51 32.29 12.49
CA ASP A 245 -10.66 33.39 12.06
C ASP A 245 -9.89 33.01 10.80
N LYS A 246 -10.32 33.56 9.67
CA LYS A 246 -9.69 33.27 8.39
C LYS A 246 -8.24 33.75 8.34
N GLU A 247 -7.98 34.88 8.98
CA GLU A 247 -6.65 35.49 8.96
C GLU A 247 -5.64 34.69 9.77
N LEU A 248 -6.09 34.17 10.91
CA LEU A 248 -5.23 33.37 11.76
C LEU A 248 -4.95 32.00 11.12
N ASN A 249 -5.93 31.52 10.36
CA ASN A 249 -5.80 30.26 9.65
C ASN A 249 -4.70 30.36 8.59
N GLU A 250 -4.62 31.52 7.95
CA GLU A 250 -3.58 31.80 6.97
C GLU A 250 -2.20 31.83 7.63
N GLU A 251 -2.14 32.39 8.84
CA GLU A 251 -0.89 32.49 9.57
C GLU A 251 -0.37 31.10 9.99
N SER A 252 -1.29 30.17 10.22
CA SER A 252 -0.92 28.80 10.57
C SER A 252 -0.36 28.07 9.36
N ASN A 253 -0.61 28.63 8.18
CA ASN A 253 -0.13 28.10 6.89
C ASN A 253 -0.74 26.75 6.54
N PHE A 254 -1.81 26.37 7.24
CA PHE A 254 -2.55 25.16 6.88
C PHE A 254 -3.23 25.18 5.50
N PRO A 255 -3.67 26.36 5.03
CA PRO A 255 -4.12 26.39 3.63
C PRO A 255 -3.08 25.90 2.62
N ALA A 256 -1.80 26.08 2.93
CA ALA A 256 -0.73 25.59 2.06
C ALA A 256 -0.70 24.07 2.07
N ILE A 257 -1.04 23.48 3.22
CA ILE A 257 -1.16 22.03 3.34
C ILE A 257 -2.36 21.56 2.53
N VAL A 258 -3.47 22.27 2.67
CA VAL A 258 -4.69 21.97 1.92
C VAL A 258 -4.44 22.07 0.42
N LYS A 259 -3.70 23.11 0.02
CA LYS A 259 -3.36 23.34 -1.37
C LYS A 259 -2.55 22.18 -1.95
N PHE A 260 -1.58 21.70 -1.19
CA PHE A 260 -0.77 20.56 -1.63
C PHE A 260 -1.63 19.31 -1.77
N LEU A 261 -2.47 19.07 -0.77
CA LEU A 261 -3.35 17.91 -0.77
C LEU A 261 -4.33 17.95 -1.93
N SER A 262 -4.79 19.15 -2.26
CA SER A 262 -5.76 19.32 -3.33
C SER A 262 -5.12 19.13 -4.71
N GLU A 263 -4.00 19.81 -4.94
CA GLU A 263 -3.40 19.85 -6.28
C GLU A 263 -2.53 18.64 -6.59
N HIS A 264 -1.97 18.00 -5.57
CA HIS A 264 -1.02 16.92 -5.80
C HIS A 264 -1.50 15.55 -5.35
N VAL A 265 -2.58 15.52 -4.57
CA VAL A 265 -3.11 14.25 -4.08
C VAL A 265 -4.54 13.98 -4.55
N LEU A 266 -5.47 14.80 -4.06
CA LEU A 266 -6.90 14.57 -4.33
C LEU A 266 -7.23 14.67 -5.82
N SER A 267 -6.80 15.76 -6.46
CA SER A 267 -7.09 15.98 -7.88
C SER A 267 -6.47 14.91 -8.77
N ARG A 268 -5.23 14.57 -8.49
CA ARG A 268 -4.47 13.61 -9.27
C ARG A 268 -5.09 12.26 -9.17
N GLN A 269 -5.43 11.84 -7.98
CA GLN A 269 -5.99 10.52 -7.75
C GLN A 269 -7.43 10.40 -8.22
N ASN A 270 -8.20 11.48 -8.08
CA ASN A 270 -9.57 11.50 -8.58
C ASN A 270 -9.62 11.24 -10.08
N ASP A 271 -8.61 11.74 -10.79
CA ASP A 271 -8.47 11.50 -12.22
C ASP A 271 -8.24 10.02 -12.51
N ARG A 272 -7.38 9.39 -11.72
CA ARG A 272 -7.06 7.98 -11.91
C ARG A 272 -8.25 7.09 -11.57
N ILE A 273 -8.98 7.45 -10.52
CA ILE A 273 -10.19 6.72 -10.14
C ILE A 273 -11.25 6.88 -11.22
N ARG A 274 -11.38 8.09 -11.74
CA ARG A 274 -12.31 8.40 -12.82
C ARG A 274 -12.04 7.52 -14.03
N ASP A 275 -10.77 7.38 -14.39
CA ASP A 275 -10.37 6.57 -15.54
C ASP A 275 -10.70 5.10 -15.35
N GLN A 276 -10.47 4.58 -14.15
CA GLN A 276 -10.65 3.16 -13.88
C GLN A 276 -12.13 2.75 -13.85
N ILE A 277 -12.98 3.62 -13.31
CA ILE A 277 -14.42 3.32 -13.27
C ILE A 277 -15.01 3.39 -14.66
N VAL A 278 -14.55 4.35 -15.46
CA VAL A 278 -14.96 4.46 -16.85
C VAL A 278 -14.53 3.22 -17.62
N ASP A 279 -13.34 2.71 -17.31
CA ASP A 279 -12.84 1.50 -17.92
C ASP A 279 -13.65 0.28 -17.45
N GLU A 280 -14.08 0.32 -16.19
CA GLU A 280 -14.93 -0.74 -15.65
C GLU A 280 -16.27 -0.78 -16.36
N ILE A 281 -16.84 0.40 -16.60
CA ILE A 281 -18.10 0.53 -17.31
C ILE A 281 -17.97 0.01 -18.75
N ARG A 282 -16.89 0.42 -19.41
CA ARG A 282 -16.63 0.01 -20.79
C ARG A 282 -16.47 -1.50 -20.91
N SER A 283 -15.67 -2.07 -20.01
CA SER A 283 -15.40 -3.50 -20.03
C SER A 283 -16.68 -4.32 -19.82
N ALA A 284 -17.49 -3.90 -18.85
CA ALA A 284 -18.74 -4.58 -18.56
C ALA A 284 -19.66 -4.55 -19.78
N ALA A 285 -19.73 -3.40 -20.44
CA ALA A 285 -20.57 -3.24 -21.62
C ALA A 285 -20.07 -4.10 -22.77
N GLU A 286 -18.76 -4.17 -22.94
CA GLU A 286 -18.17 -4.94 -24.03
C GLU A 286 -18.31 -6.45 -23.83
N HIS A 287 -18.32 -6.87 -22.56
CA HIS A 287 -18.57 -8.28 -22.25
C HIS A 287 -19.99 -8.66 -22.64
N LEU A 288 -20.94 -7.78 -22.36
CA LEU A 288 -22.34 -8.00 -22.71
C LEU A 288 -22.55 -7.93 -24.22
N LEU A 289 -21.82 -7.05 -24.89
CA LEU A 289 -21.93 -6.87 -26.31
C LEU A 289 -21.49 -8.04 -27.12
N LEU A 290 -20.56 -8.80 -26.59
CA LEU A 290 -20.00 -9.93 -27.32
C LEU A 290 -21.06 -10.97 -27.65
N ALA A 291 -21.90 -11.30 -26.68
CA ALA A 291 -22.96 -12.28 -26.88
C ALA A 291 -24.06 -11.74 -27.79
N VAL A 292 -24.33 -10.45 -27.68
CA VAL A 292 -25.33 -9.79 -28.52
C VAL A 292 -24.91 -9.82 -29.98
N GLU A 293 -23.68 -9.42 -30.25
CA GLU A 293 -23.19 -9.32 -31.61
C GLU A 293 -22.83 -10.69 -32.20
N SER A 294 -22.52 -11.66 -31.34
CA SER A 294 -22.28 -13.02 -31.79
C SER A 294 -23.57 -13.64 -32.30
N GLU A 295 -24.66 -13.42 -31.57
CA GLU A 295 -25.97 -13.92 -31.98
C GLU A 295 -26.42 -13.21 -33.26
N LEU A 296 -26.12 -11.92 -33.35
CA LEU A 296 -26.42 -11.13 -34.54
C LEU A 296 -25.69 -11.68 -35.76
N SER A 297 -24.41 -11.99 -35.58
CA SER A 297 -23.59 -12.55 -36.65
C SER A 297 -24.15 -13.89 -37.11
N SER A 298 -24.60 -14.70 -36.15
CA SER A 298 -25.20 -15.99 -36.45
C SER A 298 -26.46 -15.83 -37.27
N PHE A 299 -27.22 -14.77 -36.98
CA PHE A 299 -28.42 -14.46 -37.74
C PHE A 299 -28.10 -13.90 -39.12
N ASN A 300 -27.44 -12.75 -39.14
CA ASN A 300 -27.18 -12.02 -40.36
C ASN A 300 -26.23 -12.73 -41.33
N ASP A 301 -25.40 -13.61 -40.81
CA ASP A 301 -24.41 -14.27 -41.63
C ASP A 301 -24.25 -15.77 -41.35
N PRO A 302 -25.25 -16.54 -41.75
CA PRO A 302 -25.35 -17.97 -41.46
C PRO A 302 -24.17 -18.78 -41.99
N GLY A 303 -23.65 -18.40 -43.16
CA GLY A 303 -22.55 -19.13 -43.77
C GLY A 303 -21.23 -18.98 -43.05
N GLU A 304 -21.25 -18.17 -41.99
CA GLU A 304 -20.03 -17.89 -41.22
C GLU A 304 -20.10 -18.50 -39.83
N ARG A 305 -21.16 -19.25 -39.56
CA ARG A 305 -21.38 -19.84 -38.24
C ARG A 305 -20.26 -20.78 -37.81
N GLU A 306 -19.75 -21.57 -38.75
CA GLU A 306 -18.68 -22.51 -38.46
C GLU A 306 -17.43 -21.79 -37.94
N ARG A 307 -17.04 -20.72 -38.62
CA ARG A 307 -15.86 -19.96 -38.23
C ARG A 307 -16.08 -19.17 -36.96
N LEU A 308 -17.29 -18.62 -36.81
CA LEU A 308 -17.64 -17.85 -35.63
C LEU A 308 -17.59 -18.71 -34.37
N THR A 309 -18.25 -19.87 -34.42
CA THR A 309 -18.32 -20.76 -33.28
C THR A 309 -16.98 -21.42 -32.97
N ALA A 310 -16.23 -21.78 -34.02
CA ALA A 310 -14.91 -22.38 -33.85
C ALA A 310 -13.97 -21.39 -33.16
N GLU A 311 -14.09 -20.12 -33.53
CA GLU A 311 -13.29 -19.08 -32.90
C GLU A 311 -13.68 -18.89 -31.43
N LEU A 312 -14.97 -18.72 -31.20
CA LEU A 312 -15.50 -18.55 -29.85
C LEU A 312 -15.12 -19.73 -28.96
N GLU A 313 -15.19 -20.93 -29.52
CA GLU A 313 -14.81 -22.15 -28.81
C GLU A 313 -13.33 -22.14 -28.47
N ARG A 314 -12.52 -21.67 -29.41
CA ARG A 314 -11.08 -21.58 -29.20
C ARG A 314 -10.74 -20.62 -28.06
N ARG A 315 -11.34 -19.44 -28.09
CA ARG A 315 -11.09 -18.43 -27.08
C ARG A 315 -11.62 -18.88 -25.71
N LYS A 316 -12.75 -19.59 -25.71
CA LYS A 316 -13.30 -20.13 -24.47
C LYS A 316 -12.35 -21.14 -23.86
N GLN A 317 -11.83 -22.02 -24.71
CA GLN A 317 -10.90 -23.05 -24.27
C GLN A 317 -9.63 -22.45 -23.67
N GLU A 318 -9.14 -21.38 -24.30
CA GLU A 318 -7.94 -20.70 -23.82
C GLU A 318 -8.19 -20.03 -22.48
N ALA A 319 -9.39 -19.49 -22.31
CA ALA A 319 -9.76 -18.82 -21.07
C ALA A 319 -9.87 -19.81 -19.92
N GLN A 320 -10.30 -21.02 -20.25
CA GLN A 320 -10.47 -22.08 -19.28
C GLN A 320 -9.13 -22.67 -18.91
N ASP A 321 -8.25 -22.79 -19.87
CA ASP A 321 -6.90 -23.28 -19.64
C ASP A 321 -6.10 -22.29 -18.79
N ALA A 322 -6.56 -21.04 -18.78
CA ALA A 322 -5.92 -19.99 -18.01
C ALA A 322 -6.19 -20.12 -16.51
N LEU A 323 -7.16 -20.97 -16.17
CA LEU A 323 -7.53 -21.18 -14.77
C LEU A 323 -6.76 -22.36 -14.18
N GLN A 324 -6.01 -23.07 -15.02
CA GLN A 324 -5.23 -24.21 -14.58
C GLN A 324 -3.87 -23.78 -14.05
N GLN A 325 -3.32 -24.53 -13.13
CA GLN A 325 -2.03 -24.27 -12.53
C GLN A 325 -0.93 -24.15 -13.55
N THR A 326 -1.13 -24.77 -14.69
CA THR A 326 -0.12 -24.83 -15.74
C THR A 326 -0.15 -23.61 -16.66
N ALA A 327 -1.11 -22.72 -16.45
CA ALA A 327 -1.21 -21.49 -17.25
C ALA A 327 0.06 -20.65 -17.11
N LEU A 328 0.52 -20.08 -18.21
CA LEU A 328 1.81 -19.39 -18.24
C LEU A 328 1.86 -18.20 -17.30
N TRP A 329 0.78 -17.43 -17.24
CA TRP A 329 0.74 -16.26 -16.35
C TRP A 329 0.89 -16.69 -14.89
N GLN A 330 0.27 -17.82 -14.55
CA GLN A 330 0.34 -18.34 -13.19
C GLN A 330 1.72 -18.92 -12.91
N GLN A 331 2.32 -19.51 -13.93
CA GLN A 331 3.69 -20.02 -13.82
C GLN A 331 4.66 -18.87 -13.60
N VAL A 332 4.51 -17.81 -14.39
CA VAL A 332 5.36 -16.63 -14.25
C VAL A 332 5.20 -16.02 -12.85
N LEU A 333 3.96 -15.97 -12.37
CA LEU A 333 3.68 -15.46 -11.04
C LEU A 333 4.31 -16.34 -9.95
N SER A 334 4.02 -17.64 -10.00
CA SER A 334 4.49 -18.57 -8.98
C SER A 334 6.01 -18.67 -8.93
N ASP A 335 6.64 -18.83 -10.10
CA ASP A 335 8.09 -18.92 -10.17
C ASP A 335 8.72 -17.58 -9.81
N GLY A 336 8.06 -16.49 -10.18
CA GLY A 336 8.55 -15.16 -9.87
C GLY A 336 8.54 -14.87 -8.38
N ILE A 337 7.47 -15.28 -7.71
CA ILE A 337 7.35 -15.11 -6.26
C ILE A 337 8.39 -15.95 -5.53
N ALA A 338 8.56 -17.19 -6.00
CA ALA A 338 9.54 -18.10 -5.39
C ALA A 338 10.95 -17.55 -5.54
N ASP A 339 11.27 -17.05 -6.73
CA ASP A 339 12.58 -16.47 -6.99
C ASP A 339 12.81 -15.23 -6.15
N LEU A 340 11.81 -14.35 -6.11
CA LEU A 340 11.92 -13.09 -5.40
C LEU A 340 12.06 -13.31 -3.89
N THR A 341 11.37 -14.32 -3.36
CA THR A 341 11.46 -14.65 -1.94
C THR A 341 12.89 -15.02 -1.56
N ALA A 342 13.52 -15.84 -2.40
CA ALA A 342 14.91 -16.23 -2.17
C ALA A 342 15.84 -15.04 -2.39
N ASP A 343 15.57 -14.24 -3.42
CA ASP A 343 16.42 -13.11 -3.77
C ASP A 343 16.38 -12.00 -2.72
N VAL A 344 15.19 -11.75 -2.16
CA VAL A 344 15.06 -10.75 -1.11
C VAL A 344 15.85 -11.15 0.14
N ASP A 345 15.79 -12.43 0.47
CA ASP A 345 16.54 -12.95 1.61
C ASP A 345 18.04 -12.92 1.34
N HIS A 346 18.41 -13.20 0.09
CA HIS A 346 19.82 -13.15 -0.32
C HIS A 346 20.34 -11.71 -0.24
N ASP A 347 19.52 -10.77 -0.70
CA ASP A 347 19.88 -9.36 -0.68
C ASP A 347 20.10 -8.86 0.75
N LEU A 348 19.16 -9.18 1.63
CA LEU A 348 19.23 -8.75 3.03
C LEU A 348 20.49 -9.26 3.72
N ARG A 349 20.75 -10.56 3.60
CA ARG A 349 21.90 -11.16 4.28
C ARG A 349 23.22 -10.68 3.69
N HIS A 350 23.20 -10.26 2.43
CA HIS A 350 24.38 -9.66 1.82
C HIS A 350 24.67 -8.31 2.46
N ARG A 351 23.63 -7.49 2.59
CA ARG A 351 23.75 -6.19 3.24
C ARG A 351 24.22 -6.35 4.67
N PHE A 352 23.63 -7.32 5.36
CA PHE A 352 23.96 -7.59 6.76
C PHE A 352 25.40 -8.08 6.93
N ARG A 353 25.87 -8.89 5.98
CA ARG A 353 27.23 -9.41 6.03
C ARG A 353 28.25 -8.29 5.94
N ILE A 354 27.97 -7.32 5.05
CA ILE A 354 28.83 -6.16 4.91
C ILE A 354 28.83 -5.33 6.19
N ILE A 355 27.64 -5.15 6.76
CA ILE A 355 27.48 -4.38 8.00
C ILE A 355 28.21 -5.06 9.16
N ALA A 356 28.04 -6.36 9.28
CA ALA A 356 28.70 -7.13 10.33
C ALA A 356 30.21 -7.02 10.23
N ALA A 357 30.72 -7.04 9.00
CA ALA A 357 32.16 -6.94 8.76
C ALA A 357 32.68 -5.58 9.22
N HIS A 358 31.93 -4.52 8.95
CA HIS A 358 32.32 -3.18 9.36
C HIS A 358 32.34 -3.06 10.88
N THR A 359 31.30 -3.57 11.52
CA THR A 359 31.18 -3.52 12.97
C THR A 359 32.30 -4.30 13.66
N GLU A 360 32.65 -5.46 13.09
CA GLU A 360 33.73 -6.27 13.63
C GLU A 360 35.07 -5.55 13.52
N LYS A 361 35.24 -4.78 12.44
CA LYS A 361 36.45 -3.99 12.27
C LYS A 361 36.50 -2.87 13.30
N VAL A 362 35.36 -2.25 13.55
CA VAL A 362 35.24 -1.20 14.56
C VAL A 362 35.61 -1.75 15.93
N ILE A 363 35.06 -2.92 16.26
CA ILE A 363 35.34 -3.59 17.52
C ILE A 363 36.83 -3.85 17.69
N ASP A 364 37.46 -4.34 16.62
CA ASP A 364 38.89 -4.68 16.65
C ASP A 364 39.78 -3.45 16.67
N GLY A 365 39.22 -2.29 16.34
CA GLY A 365 40.01 -1.07 16.26
C GLY A 365 39.88 -0.17 17.48
N CYS A 366 39.29 -0.70 18.55
CA CYS A 366 39.10 0.09 19.76
C CYS A 366 38.92 -0.76 21.01
N ASP A 367 38.59 -0.11 22.11
CA ASP A 367 38.18 -0.76 23.34
C ASP A 367 36.67 -0.81 23.39
N PRO A 368 36.07 -1.98 23.11
CA PRO A 368 34.61 -2.15 23.09
C PRO A 368 33.95 -1.72 24.40
N THR A 369 34.66 -1.92 25.51
CA THR A 369 34.14 -1.55 26.83
C THR A 369 34.04 -0.03 26.99
N LEU A 370 34.66 0.71 26.08
CA LEU A 370 34.62 2.16 26.10
C LEU A 370 33.66 2.72 25.05
N HIS A 371 32.99 1.83 24.33
CA HIS A 371 32.14 2.25 23.21
C HIS A 371 30.91 1.37 22.98
N TRP A 372 30.46 0.64 24.01
CA TRP A 372 29.38 -0.33 23.83
C TRP A 372 28.07 0.32 23.37
N ALA A 373 27.76 1.50 23.90
CA ALA A 373 26.53 2.20 23.54
C ALA A 373 26.61 2.72 22.11
N GLU A 374 27.76 3.30 21.77
CA GLU A 374 27.98 3.87 20.45
C GLU A 374 28.03 2.80 19.36
N ILE A 375 28.66 1.66 19.69
CA ILE A 375 28.73 0.54 18.76
C ILE A 375 27.33 -0.05 18.52
N GLY A 376 26.57 -0.21 19.60
CA GLY A 376 25.21 -0.72 19.50
C GLY A 376 24.30 0.18 18.70
N ALA A 377 24.40 1.49 18.95
CA ALA A 377 23.58 2.48 18.27
C ALA A 377 23.85 2.50 16.76
N GLU A 378 25.14 2.44 16.39
CA GLU A 378 25.53 2.45 14.98
C GLU A 378 25.03 1.19 14.28
N LEU A 379 25.18 0.04 14.94
CA LEU A 379 24.77 -1.22 14.37
C LEU A 379 23.26 -1.25 14.12
N GLU A 380 22.49 -0.85 15.11
CA GLU A 380 21.03 -0.84 15.00
C GLU A 380 20.57 0.08 13.88
N ASP A 381 21.21 1.24 13.74
CA ASP A 381 20.88 2.18 12.68
C ASP A 381 21.23 1.63 11.31
N ALA A 382 22.40 1.00 11.21
CA ALA A 382 22.85 0.42 9.95
C ALA A 382 21.96 -0.74 9.53
N VAL A 383 21.60 -1.58 10.49
CA VAL A 383 20.74 -2.73 10.22
C VAL A 383 19.35 -2.28 9.80
N ALA A 384 18.79 -1.32 10.52
CA ALA A 384 17.45 -0.82 10.23
C ALA A 384 17.40 -0.13 8.87
N THR A 385 18.47 0.58 8.53
CA THR A 385 18.56 1.25 7.25
C THR A 385 18.65 0.21 6.13
N ALA A 386 19.37 -0.88 6.39
CA ALA A 386 19.50 -1.97 5.44
C ALA A 386 18.16 -2.65 5.20
N VAL A 387 17.40 -2.84 6.28
CA VAL A 387 16.06 -3.39 6.17
C VAL A 387 15.20 -2.51 5.26
N GLY A 388 15.33 -1.20 5.45
CA GLY A 388 14.62 -0.24 4.62
C GLY A 388 15.02 -0.30 3.16
N ASP A 389 16.32 -0.37 2.89
CA ASP A 389 16.82 -0.48 1.52
C ASP A 389 16.39 -1.80 0.90
N ASN A 390 16.42 -2.87 1.69
CA ASN A 390 15.95 -4.17 1.25
C ASN A 390 14.47 -4.15 0.89
N PHE A 391 13.69 -3.45 1.71
CA PHE A 391 12.25 -3.33 1.49
C PHE A 391 11.95 -2.56 0.20
N VAL A 392 12.71 -1.49 -0.03
CA VAL A 392 12.56 -0.71 -1.25
C VAL A 392 12.91 -1.56 -2.48
N TRP A 393 14.03 -2.27 -2.37
CA TRP A 393 14.48 -3.16 -3.44
C TRP A 393 13.45 -4.24 -3.74
N ALA A 394 12.87 -4.80 -2.68
CA ALA A 394 11.86 -5.83 -2.82
C ALA A 394 10.59 -5.30 -3.46
N TYR A 395 10.19 -4.09 -3.07
CA TYR A 395 9.02 -3.44 -3.63
C TYR A 395 9.17 -3.21 -5.13
N GLN A 396 10.33 -2.72 -5.53
CA GLN A 396 10.61 -2.45 -6.94
C GLN A 396 10.55 -3.74 -7.78
N ARG A 397 11.12 -4.82 -7.23
CA ARG A 397 11.12 -6.10 -7.91
C ARG A 397 9.73 -6.71 -7.98
N ALA A 398 8.94 -6.50 -6.93
CA ALA A 398 7.57 -6.99 -6.90
C ALA A 398 6.71 -6.26 -7.93
N GLU A 399 6.94 -4.96 -8.09
CA GLU A 399 6.23 -4.17 -9.08
C GLU A 399 6.57 -4.63 -10.49
N ALA A 400 7.84 -4.96 -10.71
CA ALA A 400 8.30 -5.45 -12.01
C ALA A 400 7.67 -6.80 -12.35
N LEU A 401 7.57 -7.66 -11.35
CA LEU A 401 6.96 -8.98 -11.53
C LEU A 401 5.49 -8.87 -11.87
N ALA A 402 4.77 -8.01 -11.14
CA ALA A 402 3.35 -7.79 -11.38
C ALA A 402 3.11 -7.28 -12.79
N ALA A 403 4.05 -6.47 -13.28
CA ALA A 403 3.97 -5.92 -14.63
C ALA A 403 4.16 -7.02 -15.67
N GLU A 404 5.07 -7.95 -15.39
CA GLU A 404 5.34 -9.05 -16.32
C GLU A 404 4.16 -10.01 -16.37
N VAL A 405 3.57 -10.27 -15.21
CA VAL A 405 2.40 -11.15 -15.13
C VAL A 405 1.22 -10.53 -15.89
N ALA A 406 1.10 -9.21 -15.80
CA ALA A 406 0.05 -8.49 -16.51
C ALA A 406 0.23 -8.64 -18.03
N ARG A 407 1.46 -8.50 -18.49
CA ARG A 407 1.76 -8.64 -19.91
C ARG A 407 1.49 -10.06 -20.39
N THR A 408 1.93 -11.04 -19.61
CA THR A 408 1.73 -12.45 -19.95
C THR A 408 0.24 -12.79 -20.09
N PHE A 409 -0.56 -12.25 -19.16
CA PHE A 409 -2.00 -12.48 -19.17
C PHE A 409 -2.67 -11.85 -20.39
N THR A 410 -2.29 -10.61 -20.68
CA THR A 410 -2.90 -9.85 -21.78
C THR A 410 -2.47 -10.38 -23.14
N GLU A 411 -1.19 -10.69 -23.30
CA GLU A 411 -0.67 -11.21 -24.57
C GLU A 411 -1.28 -12.57 -24.90
N ALA A 412 -1.83 -13.24 -23.89
CA ALA A 412 -2.52 -14.50 -24.09
C ALA A 412 -3.98 -14.25 -24.49
N GLY A 413 -4.37 -12.99 -24.49
CA GLY A 413 -5.71 -12.59 -24.90
C GLY A 413 -6.80 -13.01 -23.93
N LEU A 414 -6.41 -13.21 -22.67
CA LEU A 414 -7.32 -13.74 -21.66
C LEU A 414 -8.30 -12.70 -21.13
N ASP A 415 -8.22 -11.48 -21.64
CA ASP A 415 -9.14 -10.42 -21.26
C ASP A 415 -9.84 -9.85 -22.49
N ALA A 416 -9.58 -10.46 -23.65
CA ALA A 416 -10.10 -9.97 -24.92
C ALA A 416 -11.53 -10.45 -25.16
N VAL A 417 -12.43 -9.50 -25.43
CA VAL A 417 -13.82 -9.83 -25.71
C VAL A 417 -14.31 -9.17 -27.00
N GLN A 418 -13.40 -8.95 -27.93
CA GLN A 418 -13.76 -8.39 -29.23
C GLN A 418 -14.33 -9.49 -30.12
N MET A 419 -15.18 -9.09 -31.07
CA MET A 419 -15.78 -10.05 -31.99
C MET A 419 -14.76 -10.75 -32.87
N PRO A 420 -14.97 -12.01 -33.15
CA PRO A 420 -14.07 -12.72 -34.04
C PRO A 420 -14.12 -12.11 -35.43
N GLN A 421 -13.04 -12.23 -36.19
CA GLN A 421 -12.94 -11.68 -37.53
C GLN A 421 -13.69 -12.52 -38.54
N ILE A 422 -14.72 -11.97 -39.14
CA ILE A 422 -15.50 -12.72 -40.12
C ILE A 422 -15.81 -11.92 -41.39
N ASP A 423 -16.80 -12.36 -42.15
CA ASP A 423 -17.16 -11.80 -43.45
C ASP A 423 -16.28 -12.32 -44.59
N TYR A 459 -7.78 -4.52 -5.96
CA TYR A 459 -8.02 -5.47 -4.88
C TYR A 459 -9.01 -4.89 -3.86
N GLY A 460 -10.18 -5.51 -3.76
CA GLY A 460 -11.23 -5.03 -2.90
C GLY A 460 -11.21 -5.63 -1.51
N GLY A 461 -10.24 -6.50 -1.26
CA GLY A 461 -10.09 -7.12 0.03
C GLY A 461 -9.31 -6.25 1.01
N VAL A 462 -9.14 -6.75 2.23
CA VAL A 462 -8.40 -6.02 3.26
C VAL A 462 -6.91 -6.00 2.95
N LEU A 463 -6.35 -4.79 2.87
CA LEU A 463 -4.93 -4.63 2.55
C LEU A 463 -4.06 -5.03 3.73
N MET A 464 -2.80 -5.36 3.45
CA MET A 464 -1.90 -5.93 4.45
C MET A 464 -0.84 -4.95 4.94
N PHE A 465 -0.95 -3.67 4.58
CA PHE A 465 0.09 -2.72 4.92
C PHE A 465 0.13 -2.45 6.42
N GLY A 466 1.33 -2.37 6.96
CA GLY A 466 1.56 -2.11 8.36
C GLY A 466 2.99 -1.68 8.57
N MET A 467 3.38 -1.45 9.82
CA MET A 467 4.75 -1.09 10.15
C MET A 467 5.67 -2.27 9.91
N LEU A 468 6.89 -2.00 9.43
CA LEU A 468 7.90 -3.04 9.30
C LEU A 468 8.34 -3.52 10.68
N THR A 469 9.01 -4.65 10.74
CA THR A 469 9.54 -5.12 11.99
C THR A 469 10.98 -5.54 11.82
N SER A 470 11.87 -4.98 12.61
CA SER A 470 13.24 -5.47 12.62
C SER A 470 13.67 -5.96 13.99
N PHE A 471 14.20 -5.08 14.82
CA PHE A 471 14.55 -5.47 16.17
C PHE A 471 13.52 -5.03 17.15
N ALA A 472 13.61 -5.53 18.37
CA ALA A 472 12.58 -5.28 19.38
C ALA A 472 12.39 -3.80 19.68
N GLY A 473 13.48 -3.05 19.61
CA GLY A 473 13.44 -1.61 19.87
C GLY A 473 14.81 -0.98 19.88
N LEU A 474 14.85 0.33 19.61
CA LEU A 474 16.11 1.06 19.59
C LEU A 474 16.74 1.13 20.98
N GLY A 475 18.06 0.99 21.03
CA GLY A 475 18.80 1.09 22.27
C GLY A 475 18.64 -0.12 23.18
N MET A 476 18.12 -1.21 22.64
CA MET A 476 17.88 -2.41 23.44
C MET A 476 18.92 -3.50 23.17
N PHE A 477 19.81 -3.25 22.22
CA PHE A 477 20.93 -4.16 21.99
C PHE A 477 22.21 -3.64 22.61
N ASN A 478 22.86 -4.50 23.40
CA ASN A 478 24.14 -4.18 24.02
C ASN A 478 25.15 -5.25 23.64
N PRO A 479 26.27 -4.85 23.01
CA PRO A 479 27.29 -5.82 22.58
C PRO A 479 27.92 -6.58 23.75
N LEU A 480 27.92 -5.97 24.93
CA LEU A 480 28.38 -6.64 26.15
C LEU A 480 27.19 -7.26 26.88
N SER A 481 27.34 -8.52 27.29
CA SER A 481 26.25 -9.20 27.98
C SER A 481 26.41 -9.14 29.49
N LEU A 482 25.32 -9.39 30.22
CA LEU A 482 25.28 -9.26 31.67
C LEU A 482 26.33 -10.13 32.37
N GLY A 483 26.21 -11.44 32.24
CA GLY A 483 27.10 -12.36 32.91
C GLY A 483 28.41 -12.60 32.17
N ALA A 484 29.20 -11.54 32.00
CA ALA A 484 30.49 -11.65 31.34
C ALA A 484 31.61 -11.83 32.37
N GLY A 485 31.28 -11.61 33.64
CA GLY A 485 32.19 -11.84 34.73
C GLY A 485 33.43 -10.96 34.76
N PHE A 486 33.22 -9.64 34.72
CA PHE A 486 34.35 -8.70 34.77
C PHE A 486 34.77 -8.43 36.20
N VAL A 487 33.84 -8.58 37.14
CA VAL A 487 34.12 -8.32 38.55
C VAL A 487 34.63 -9.57 39.24
N LEU A 488 33.95 -10.69 39.01
CA LEU A 488 34.28 -11.95 39.67
C LEU A 488 35.20 -12.82 38.82
N GLY A 489 35.74 -12.23 37.74
CA GLY A 489 36.64 -12.94 36.87
C GLY A 489 38.10 -12.69 37.20
N ARG A 490 38.35 -11.79 38.12
CA ARG A 490 39.71 -11.46 38.41
C ARG A 490 40.35 -12.45 39.33
N LYS A 491 41.49 -12.94 38.91
CA LYS A 491 42.25 -13.88 39.73
C LYS A 491 43.14 -13.11 40.69
N ALA A 492 43.85 -13.81 41.55
CA ALA A 492 44.89 -13.19 42.35
C ALA A 492 45.89 -12.45 41.47
N TYR A 493 45.97 -12.85 40.20
CA TYR A 493 46.95 -12.30 39.27
C TYR A 493 46.30 -11.78 37.99
N LYS A 494 46.87 -10.70 37.48
CA LYS A 494 46.33 -9.98 36.36
C LYS A 494 46.42 -10.69 35.01
N GLU A 495 45.33 -10.62 34.27
CA GLU A 495 45.25 -11.12 32.93
C GLU A 495 46.08 -10.20 32.04
N ASP A 496 46.86 -10.78 31.14
CA ASP A 496 47.57 -9.93 30.23
C ASP A 496 46.59 -9.21 29.31
N MET A 497 46.88 -7.98 28.96
CA MET A 497 45.91 -7.15 28.27
C MET A 497 45.53 -7.74 26.95
N GLU A 498 46.50 -8.35 26.31
CA GLU A 498 46.34 -8.88 24.96
C GLU A 498 45.19 -9.88 24.85
N ASN A 499 45.22 -10.83 25.76
CA ASN A 499 44.21 -11.83 25.91
C ASN A 499 42.86 -11.29 26.33
N ARG A 500 42.85 -10.32 27.23
CA ARG A 500 41.65 -9.70 27.69
C ARG A 500 40.94 -8.94 26.60
N MET A 501 41.69 -8.16 25.84
CA MET A 501 41.18 -7.46 24.69
C MET A 501 40.60 -8.44 23.68
N LEU A 502 41.36 -9.50 23.42
CA LEU A 502 40.93 -10.53 22.48
C LEU A 502 39.62 -11.16 22.92
N ARG A 503 39.50 -11.43 24.22
CA ARG A 503 38.30 -12.05 24.77
C ARG A 503 37.09 -11.11 24.66
N VAL A 504 37.29 -9.86 25.08
CA VAL A 504 36.22 -8.87 25.06
C VAL A 504 35.76 -8.59 23.63
N ARG A 505 36.70 -8.52 22.70
CA ARG A 505 36.38 -8.28 21.30
C ARG A 505 35.65 -9.47 20.68
N ASN A 506 36.09 -10.68 21.00
CA ASN A 506 35.44 -11.89 20.51
C ASN A 506 34.02 -12.00 21.04
N GLU A 507 33.82 -11.59 22.29
CA GLU A 507 32.50 -11.61 22.90
C GLU A 507 31.56 -10.64 22.20
N ALA A 508 32.07 -9.44 21.93
CA ALA A 508 31.29 -8.40 21.25
C ALA A 508 30.90 -8.84 19.84
N LYS A 509 31.85 -9.43 19.12
CA LYS A 509 31.59 -9.93 17.77
C LYS A 509 30.50 -10.99 17.78
N ALA A 510 30.58 -11.90 18.74
CA ALA A 510 29.60 -12.97 18.87
C ALA A 510 28.20 -12.42 19.04
N ASN A 511 28.06 -11.42 19.91
CA ASN A 511 26.77 -10.82 20.18
C ASN A 511 26.23 -10.04 18.98
N VAL A 512 27.14 -9.40 18.25
CA VAL A 512 26.77 -8.67 17.04
C VAL A 512 26.22 -9.63 15.98
N ARG A 513 26.94 -10.72 15.76
CA ARG A 513 26.53 -11.69 14.75
C ARG A 513 25.21 -12.37 15.11
N LYS A 514 24.94 -12.54 16.39
CA LYS A 514 23.67 -13.12 16.82
C LYS A 514 22.53 -12.13 16.60
N PHE A 515 22.78 -10.87 16.93
CA PHE A 515 21.79 -9.81 16.72
C PHE A 515 21.41 -9.71 15.25
N VAL A 516 22.42 -9.70 14.39
CA VAL A 516 22.21 -9.59 12.95
C VAL A 516 21.44 -10.79 12.41
N ASP A 517 21.79 -11.99 12.89
CA ASP A 517 21.11 -13.20 12.45
C ASP A 517 19.66 -13.25 12.92
N ASP A 518 19.43 -12.81 14.15
CA ASP A 518 18.07 -12.80 14.71
C ASP A 518 17.15 -11.87 13.92
N VAL A 519 17.68 -10.70 13.54
CA VAL A 519 16.92 -9.73 12.77
C VAL A 519 16.62 -10.29 11.37
N ALA A 520 17.60 -10.92 10.75
CA ALA A 520 17.44 -11.51 9.44
C ALA A 520 16.32 -12.55 9.43
N PHE A 521 16.22 -13.31 10.52
CA PHE A 521 15.18 -14.31 10.67
C PHE A 521 13.79 -13.67 10.72
N VAL A 522 13.66 -12.64 11.56
CA VAL A 522 12.38 -11.95 11.74
C VAL A 522 11.95 -11.21 10.47
N VAL A 523 12.89 -10.49 9.85
CA VAL A 523 12.59 -9.73 8.64
C VAL A 523 12.25 -10.65 7.47
N GLY A 524 12.99 -11.74 7.33
CA GLY A 524 12.75 -12.70 6.27
C GLY A 524 11.35 -13.30 6.34
N LYS A 525 10.87 -13.52 7.55
CA LYS A 525 9.55 -14.02 7.77
C LYS A 525 8.50 -13.04 7.25
N GLU A 526 8.66 -11.77 7.61
CA GLU A 526 7.73 -10.73 7.15
C GLU A 526 7.78 -10.57 5.63
N SER A 527 8.97 -10.65 5.06
CA SER A 527 9.15 -10.56 3.62
C SER A 527 8.42 -11.71 2.92
N ARG A 528 8.61 -12.91 3.45
CA ARG A 528 7.99 -14.11 2.90
C ARG A 528 6.47 -14.01 2.88
N ASP A 529 5.89 -13.64 4.01
CA ASP A 529 4.44 -13.54 4.13
C ASP A 529 3.88 -12.40 3.28
N ARG A 530 4.64 -11.32 3.15
CA ARG A 530 4.24 -10.19 2.32
CA ARG A 530 4.21 -10.20 2.32
C ARG A 530 4.10 -10.62 0.86
N LEU A 531 5.08 -11.36 0.38
CA LEU A 531 5.08 -11.83 -1.00
C LEU A 531 3.98 -12.87 -1.26
N LYS A 532 3.68 -13.67 -0.25
CA LYS A 532 2.57 -14.61 -0.34
C LYS A 532 1.25 -13.86 -0.49
N GLY A 533 1.15 -12.73 0.21
CA GLY A 533 -0.02 -11.89 0.13
C GLY A 533 -0.18 -11.30 -1.25
N ILE A 534 0.92 -10.82 -1.81
CA ILE A 534 0.92 -10.25 -3.16
C ILE A 534 0.55 -11.32 -4.18
N GLN A 535 1.10 -12.51 -4.00
CA GLN A 535 0.80 -13.66 -4.86
C GLN A 535 -0.68 -13.98 -4.84
N ARG A 536 -1.28 -13.97 -3.65
CA ARG A 536 -2.69 -14.26 -3.48
C ARG A 536 -3.57 -13.20 -4.17
N GLN A 537 -3.22 -11.94 -3.98
CA GLN A 537 -3.97 -10.83 -4.55
C GLN A 537 -3.95 -10.85 -6.07
N LEU A 538 -2.77 -11.12 -6.64
CA LEU A 538 -2.62 -11.16 -8.09
C LEU A 538 -3.33 -12.37 -8.68
N ARG A 539 -3.22 -13.52 -8.02
CA ARG A 539 -3.87 -14.74 -8.47
C ARG A 539 -5.39 -14.58 -8.48
N ASP A 540 -5.94 -14.06 -7.39
CA ASP A 540 -7.38 -13.82 -7.29
C ASP A 540 -7.86 -12.91 -8.41
N HIS A 541 -7.09 -11.87 -8.68
CA HIS A 541 -7.44 -10.87 -9.69
C HIS A 541 -7.58 -11.47 -11.08
N TYR A 542 -6.59 -12.26 -11.49
CA TYR A 542 -6.57 -12.78 -12.87
C TYR A 542 -7.45 -14.00 -13.06
N ARG A 543 -7.66 -14.78 -12.00
CA ARG A 543 -8.62 -15.89 -12.07
C ARG A 543 -10.03 -15.35 -12.22
N GLU A 544 -10.29 -14.20 -11.60
CA GLU A 544 -11.57 -13.53 -11.71
C GLU A 544 -11.83 -13.07 -13.13
N ILE A 545 -10.80 -12.51 -13.76
CA ILE A 545 -10.89 -12.04 -15.13
C ILE A 545 -11.08 -13.21 -16.09
N ALA A 546 -10.34 -14.28 -15.85
CA ALA A 546 -10.41 -15.48 -16.69
C ALA A 546 -11.80 -16.12 -16.64
N ASN A 547 -12.37 -16.19 -15.45
CA ASN A 547 -13.73 -16.71 -15.27
C ASN A 547 -14.76 -15.84 -15.97
N GLN A 548 -14.54 -14.53 -15.90
CA GLN A 548 -15.42 -13.56 -16.53
C GLN A 548 -15.38 -13.67 -18.05
N THR A 549 -14.16 -13.83 -18.57
CA THR A 549 -13.96 -13.98 -20.01
C THR A 549 -14.54 -15.31 -20.49
N THR A 550 -14.31 -16.36 -19.72
CA THR A 550 -14.87 -17.68 -20.01
C THR A 550 -16.39 -17.60 -20.13
N ARG A 551 -17.01 -16.94 -19.15
CA ARG A 551 -18.45 -16.78 -19.12
C ARG A 551 -18.97 -16.04 -20.35
N SER A 552 -18.36 -14.90 -20.64
CA SER A 552 -18.81 -14.05 -21.75
C SER A 552 -18.67 -14.76 -23.10
N LEU A 553 -17.64 -15.58 -23.24
CA LEU A 553 -17.41 -16.32 -24.48
C LEU A 553 -18.39 -17.48 -24.61
N ASN A 554 -18.73 -18.10 -23.49
CA ASN A 554 -19.66 -19.22 -23.50
C ASN A 554 -21.08 -18.76 -23.77
N GLU A 555 -21.43 -17.58 -23.27
CA GLU A 555 -22.74 -16.99 -23.54
C GLU A 555 -22.86 -16.64 -25.02
N SER A 556 -21.78 -16.10 -25.58
CA SER A 556 -21.73 -15.77 -26.99
C SER A 556 -21.88 -17.04 -27.82
N LEU A 557 -21.23 -18.12 -27.37
CA LEU A 557 -21.29 -19.41 -28.04
C LEU A 557 -22.73 -19.94 -28.08
N GLN A 558 -23.37 -20.02 -26.91
CA GLN A 558 -24.76 -20.47 -26.84
C GLN A 558 -25.72 -19.60 -27.65
N ALA A 559 -25.50 -18.29 -27.64
CA ALA A 559 -26.33 -17.36 -28.39
C ALA A 559 -26.22 -17.63 -29.88
N ALA A 560 -25.01 -17.89 -30.34
CA ALA A 560 -24.74 -18.19 -31.74
C ALA A 560 -25.38 -19.51 -32.16
N ILE A 561 -25.40 -20.48 -31.24
CA ILE A 561 -25.99 -21.78 -31.51
C ILE A 561 -27.51 -21.71 -31.53
N ALA A 562 -28.07 -21.02 -30.55
CA ALA A 562 -29.51 -20.93 -30.38
C ALA A 562 -30.19 -20.18 -31.53
N ALA A 563 -29.41 -19.38 -32.25
CA ALA A 563 -29.92 -18.62 -33.38
C ALA A 563 -30.14 -19.50 -34.61
N ALA A 564 -29.40 -20.59 -34.68
CA ALA A 564 -29.52 -21.52 -35.81
C ALA A 564 -30.77 -22.38 -35.69
N LYS A 565 -31.39 -22.35 -34.51
CA LYS A 565 -32.57 -23.16 -34.24
C LYS A 565 -33.88 -22.48 -34.62
N VAL A 566 -33.85 -21.16 -34.75
CA VAL A 566 -35.08 -20.44 -35.07
C VAL A 566 -35.33 -20.45 -36.57
N GLU A 567 -36.59 -20.65 -36.95
CA GLU A 567 -37.00 -20.60 -38.33
C GLU A 567 -37.07 -19.13 -38.77
N GLU A 568 -37.06 -18.89 -40.08
CA GLU A 568 -36.93 -17.55 -40.66
C GLU A 568 -38.03 -16.62 -40.17
N ALA A 569 -39.22 -17.19 -39.99
CA ALA A 569 -40.42 -16.48 -39.53
C ALA A 569 -40.20 -15.67 -38.24
N GLU A 570 -39.23 -16.08 -37.43
CA GLU A 570 -38.92 -15.35 -36.20
C GLU A 570 -37.55 -14.67 -36.23
N ARG A 571 -36.90 -14.71 -37.39
CA ARG A 571 -35.59 -14.06 -37.54
C ARG A 571 -35.66 -12.59 -37.20
N ASN A 572 -36.38 -11.83 -38.04
CA ASN A 572 -36.45 -10.37 -37.93
C ASN A 572 -36.92 -9.86 -36.58
N THR A 573 -37.79 -10.62 -35.91
CA THR A 573 -38.31 -10.21 -34.62
C THR A 573 -37.21 -10.24 -33.55
N ARG A 574 -36.44 -11.32 -33.53
CA ARG A 574 -35.34 -11.46 -32.60
C ARG A 574 -34.22 -10.53 -32.99
N VAL A 575 -33.93 -10.49 -34.27
CA VAL A 575 -32.83 -9.68 -34.82
C VAL A 575 -32.96 -8.21 -34.44
N LYS A 576 -34.19 -7.71 -34.49
CA LYS A 576 -34.45 -6.33 -34.22
C LYS A 576 -34.21 -6.05 -32.78
N GLU A 577 -34.58 -7.00 -31.94
CA GLU A 577 -34.38 -6.89 -30.50
C GLU A 577 -32.89 -6.86 -30.18
N LEU A 578 -32.11 -7.65 -30.92
CA LEU A 578 -30.67 -7.68 -30.77
C LEU A 578 -30.04 -6.35 -31.19
N GLU A 579 -30.48 -5.83 -32.34
CA GLU A 579 -29.99 -4.56 -32.85
C GLU A 579 -30.34 -3.44 -31.88
N ARG A 580 -31.48 -3.57 -31.22
CA ARG A 580 -31.89 -2.62 -30.20
C ARG A 580 -30.96 -2.71 -28.98
N GLN A 581 -30.68 -3.95 -28.56
CA GLN A 581 -29.76 -4.19 -27.46
C GLN A 581 -28.35 -3.72 -27.82
N GLN A 582 -27.94 -3.99 -29.06
CA GLN A 582 -26.63 -3.61 -29.55
C GLN A 582 -26.42 -2.10 -29.47
N ASN A 583 -27.44 -1.35 -29.87
CA ASN A 583 -27.37 0.11 -29.86
C ASN A 583 -27.24 0.67 -28.44
N ILE A 584 -28.03 0.13 -27.52
CA ILE A 584 -28.02 0.57 -26.14
C ILE A 584 -26.64 0.37 -25.50
N LEU A 585 -26.02 -0.76 -25.81
CA LEU A 585 -24.71 -1.09 -25.26
C LEU A 585 -23.60 -0.25 -25.90
N LYS A 586 -23.70 0.00 -27.19
CA LYS A 586 -22.75 0.83 -27.89
C LYS A 586 -22.89 2.27 -27.46
N GLN A 587 -24.05 2.62 -26.97
CA GLN A 587 -24.30 3.96 -26.44
C GLN A 587 -23.57 4.13 -25.11
N VAL A 588 -23.57 3.08 -24.29
CA VAL A 588 -22.87 3.08 -23.02
C VAL A 588 -21.37 3.23 -23.25
N VAL A 589 -20.83 2.45 -24.18
CA VAL A 589 -19.42 2.51 -24.53
C VAL A 589 -19.03 3.91 -25.01
N ASP A 590 -19.85 4.48 -25.86
CA ASP A 590 -19.57 5.80 -26.36
C ASP A 590 -19.67 6.84 -25.30
N HIS A 591 -20.70 6.77 -24.50
CA HIS A 591 -20.86 7.70 -23.37
C HIS A 591 -19.64 7.64 -22.45
N ALA A 592 -19.17 6.43 -22.18
CA ALA A 592 -18.02 6.22 -21.32
C ALA A 592 -16.76 6.81 -21.95
N ALA A 593 -16.61 6.62 -23.26
CA ALA A 593 -15.44 7.08 -23.99
C ALA A 593 -15.28 8.60 -23.90
N LYS A 594 -16.39 9.31 -24.02
CA LYS A 594 -16.37 10.77 -24.00
C LYS A 594 -15.97 11.29 -22.62
N LEU A 595 -16.13 10.46 -21.60
CA LEU A 595 -15.69 10.81 -20.24
C LEU A 595 -14.18 10.58 -20.06
N ALA A 596 -13.44 10.72 -21.15
CA ALA A 596 -12.01 10.46 -21.17
C ALA A 596 -11.25 11.35 -20.17
PG GTP B . 4.19 10.51 18.76
O1G GTP B . 2.82 10.03 18.36
O2G GTP B . 4.55 9.95 20.11
O3G GTP B . 5.20 10.06 17.74
O3B GTP B . 4.19 12.12 18.84
PB GTP B . 3.62 13.01 17.62
O1B GTP B . 2.24 12.54 17.24
O2B GTP B . 4.55 12.97 16.43
O3A GTP B . 3.52 14.50 18.20
PA GTP B . 2.20 15.02 18.96
O1A GTP B . 1.20 15.55 17.95
O2A GTP B . 1.58 13.95 19.82
O5' GTP B . 2.73 16.22 19.88
C5' GTP B . 4.07 16.28 20.33
C4' GTP B . 4.13 17.37 21.39
O4' GTP B . 4.38 18.59 20.70
C3' GTP B . 2.80 17.52 22.10
O3' GTP B . 3.00 17.58 23.50
C2' GTP B . 2.22 18.84 21.63
O2' GTP B . 1.71 19.58 22.72
C1' GTP B . 3.39 19.55 20.98
N9 GTP B . 2.97 20.18 19.72
C8 GTP B . 2.45 19.55 18.62
N7 GTP B . 2.21 20.49 17.67
C5 GTP B . 2.56 21.70 18.15
C6 GTP B . 2.53 22.98 17.61
O6 GTP B . 2.10 23.16 16.47
N1 GTP B . 2.97 24.05 18.36
C2 GTP B . 3.45 23.85 19.64
N2 GTP B . 3.88 24.87 20.37
N3 GTP B . 3.49 22.57 20.17
C4 GTP B . 3.05 21.52 19.43
MG MG C . 1.18 10.70 17.50
O1 TLA D . 26.61 -11.91 36.09
O11 TLA D . 26.11 -10.01 37.02
C1 TLA D . 26.93 -10.75 36.43
C2 TLA D . 28.32 -10.21 36.12
O2 TLA D . 29.06 -11.20 35.43
C3 TLA D . 29.02 -9.86 37.41
O3 TLA D . 28.73 -10.84 38.37
C4 TLA D . 30.52 -9.79 37.20
O4 TLA D . 31.24 -10.73 37.59
O41 TLA D . 31.02 -8.78 36.65
#